data_2CZ7
#
_entry.id   2CZ7
#
_cell.length_a   114.798
_cell.length_b   60.384
_cell.length_c   81.804
_cell.angle_alpha   90.00
_cell.angle_beta   124.98
_cell.angle_gamma   90.00
#
_symmetry.space_group_name_H-M   'C 1 2 1'
#
loop_
_entity.id
_entity.type
_entity.pdbx_description
1 polymer 'Nitrile hydratase subunit alpha'
2 polymer 'Nitrile hydratase subunit beta'
3 non-polymer 'FE (III) ION'
4 non-polymer 'NITRIC OXIDE'
5 non-polymer 'MAGNESIUM ION'
6 water water
#
loop_
_entity_poly.entity_id
_entity_poly.type
_entity_poly.pdbx_seq_one_letter_code
_entity_poly.pdbx_strand_id
1 'polypeptide(L)'
;SVTIDHTTENAAPAQAPVSDRAWALFRALDGKGLVPDGYVEGWKKTFEEDFSPRRGAELVARAWTDPEFRQLLLTDGTAA
VAQYGYLGPQGEYIVAVEDTPTLKNVIVCSL(CSD)S(CSO)TAWPILGLPPTWYKSFEYRARVVREPRKVLSEMGTEIA
SDIEIRVYDTTAETRYMVLPQRPAGTEGWSQEQLQEIVTKDCLIGVAIPQVPTV
;
A
2 'polypeptide(L)'
;MDGVHDLAGVQGFGKVPHTVNADIGPTFHAEWEHLPYSLMFAGVAELGAFSVDEVRYVVERMEPRHYMMTPYYERYVIGV
ATLMVEKGILTQDELESLAGGPFPLSRPSESEGRPAPVETTTFEVGQRVRVRDEYVPGHIRMPAYCRGRVGTISHRTTEK
WPFPDAIGHGRNDAGEEPTYHVKFAAEELFGSDTDGGSVVVDLFEGYLEPAA
;
B
#
loop_
_chem_comp.id
_chem_comp.type
_chem_comp.name
_chem_comp.formula
FE non-polymer 'FE (III) ION' 'Fe 3'
MG non-polymer 'MAGNESIUM ION' 'Mg 2'
NO non-polymer 'NITRIC OXIDE' 'N O'
#
# COMPACT_ATOMS: atom_id res chain seq x y z
N GLU A 9 -30.62 2.15 10.81
CA GLU A 9 -30.26 3.16 11.83
C GLU A 9 -28.76 3.45 11.86
N ASN A 10 -28.02 2.86 10.90
CA ASN A 10 -26.58 3.07 10.76
C ASN A 10 -25.73 2.51 11.92
N ALA A 11 -26.36 1.73 12.79
CA ALA A 11 -25.69 1.12 13.95
C ALA A 11 -24.68 0.05 13.56
N ALA A 12 -23.63 -0.09 14.36
CA ALA A 12 -22.64 -1.15 14.19
C ALA A 12 -23.28 -2.54 14.38
N PRO A 13 -22.81 -3.55 13.62
CA PRO A 13 -23.26 -4.92 13.87
C PRO A 13 -22.77 -5.40 15.23
N ALA A 14 -23.50 -6.33 15.85
CA ALA A 14 -23.02 -7.01 17.05
C ALA A 14 -21.76 -7.80 16.68
N GLN A 15 -20.73 -7.71 17.52
CA GLN A 15 -19.47 -8.45 17.29
C GLN A 15 -18.81 -8.85 18.60
N ALA A 16 -18.30 -10.08 18.63
CA ALA A 16 -17.47 -10.51 19.74
C ALA A 16 -16.21 -9.63 19.80
N PRO A 17 -15.52 -9.57 20.95
CA PRO A 17 -14.29 -8.77 21.04
C PRO A 17 -13.31 -9.17 19.94
N VAL A 18 -12.66 -8.18 19.33
CA VAL A 18 -11.77 -8.48 18.19
C VAL A 18 -10.69 -9.51 18.55
N SER A 19 -10.14 -9.44 19.77
CA SER A 19 -9.14 -10.43 20.17
C SER A 19 -9.73 -11.84 20.08
N ASP A 20 -10.98 -11.99 20.51
CA ASP A 20 -11.63 -13.32 20.51
C ASP A 20 -11.84 -13.80 19.09
N ARG A 21 -12.22 -12.89 18.20
CA ARG A 21 -12.39 -13.18 16.78
C ARG A 21 -11.06 -13.55 16.07
N ALA A 22 -10.02 -12.77 16.31
CA ALA A 22 -8.71 -13.07 15.71
C ALA A 22 -8.15 -14.43 16.16
N TRP A 23 -8.20 -14.69 17.47
CA TRP A 23 -7.72 -15.96 18.01
C TRP A 23 -8.61 -17.14 17.58
N ALA A 24 -9.91 -16.88 17.41
CA ALA A 24 -10.81 -17.90 16.85
C ALA A 24 -10.41 -18.31 15.43
N LEU A 25 -10.10 -17.33 14.60
CA LEU A 25 -9.58 -17.60 13.26
C LEU A 25 -8.32 -18.46 13.32
N PHE A 26 -7.38 -18.06 14.16
CA PHE A 26 -6.16 -18.85 14.35
C PHE A 26 -6.48 -20.31 14.75
N ARG A 27 -7.26 -20.47 15.80
CA ARG A 27 -7.56 -21.80 16.35
C ARG A 27 -8.33 -22.68 15.38
N ALA A 28 -9.27 -22.09 14.64
CA ALA A 28 -10.05 -22.83 13.65
C ALA A 28 -9.13 -23.46 12.58
N LEU A 29 -8.16 -22.68 12.10
CA LEU A 29 -7.22 -23.15 11.09
C LEU A 29 -6.17 -24.07 11.71
N ASP A 30 -5.66 -23.67 12.87
CA ASP A 30 -4.59 -24.44 13.51
C ASP A 30 -5.11 -25.81 13.94
N GLY A 31 -6.36 -25.84 14.38
CA GLY A 31 -7.01 -27.09 14.83
C GLY A 31 -7.22 -28.09 13.71
N LYS A 32 -7.10 -27.64 12.46
CA LYS A 32 -7.28 -28.48 11.28
C LYS A 32 -5.96 -28.88 10.64
N GLY A 33 -4.87 -28.51 11.31
CA GLY A 33 -3.52 -28.83 10.85
C GLY A 33 -3.07 -27.97 9.69
N LEU A 34 -3.75 -26.83 9.49
CA LEU A 34 -3.49 -25.98 8.31
C LEU A 34 -2.41 -24.91 8.52
N VAL A 35 -1.98 -24.76 9.76
CA VAL A 35 -0.94 -23.79 10.11
C VAL A 35 0.30 -24.55 10.62
N PRO A 36 1.42 -24.49 9.87
CA PRO A 36 2.66 -25.17 10.29
C PRO A 36 3.10 -24.73 11.69
N ASP A 37 3.80 -25.61 12.42
CA ASP A 37 4.37 -25.25 13.72
C ASP A 37 5.18 -23.98 13.63
N GLY A 38 4.95 -23.07 14.58
CA GLY A 38 5.69 -21.82 14.67
C GLY A 38 5.48 -20.83 13.52
N TYR A 39 4.46 -21.09 12.70
CA TYR A 39 4.25 -20.31 11.48
C TYR A 39 3.95 -18.83 11.74
N VAL A 40 2.89 -18.54 12.50
CA VAL A 40 2.53 -17.14 12.77
C VAL A 40 3.57 -16.48 13.66
N GLU A 41 4.18 -17.25 14.56
CA GLU A 41 5.20 -16.73 15.45
C GLU A 41 6.42 -16.28 14.64
N GLY A 42 6.78 -17.07 13.63
CA GLY A 42 7.88 -16.73 12.74
C GLY A 42 7.62 -15.44 11.95
N TRP A 43 6.41 -15.30 11.41
CA TRP A 43 6.02 -14.05 10.72
C TRP A 43 6.05 -12.86 11.67
N LYS A 44 5.53 -13.04 12.88
CA LYS A 44 5.53 -11.96 13.88
C LYS A 44 6.96 -11.46 14.05
N LYS A 45 7.89 -12.41 14.20
CA LYS A 45 9.32 -12.08 14.37
C LYS A 45 9.88 -11.30 13.18
N THR A 46 9.60 -11.78 11.96
CA THR A 46 9.99 -11.10 10.74
C THR A 46 9.43 -9.68 10.65
N PHE A 47 8.13 -9.55 10.89
CA PHE A 47 7.46 -8.25 10.85
C PHE A 47 8.06 -7.28 11.86
N GLU A 48 8.38 -7.78 13.05
CA GLU A 48 8.85 -6.93 14.14
C GLU A 48 10.33 -6.59 14.03
N GLU A 49 11.13 -7.53 13.52
CA GLU A 49 12.58 -7.43 13.66
C GLU A 49 13.36 -7.27 12.38
N ASP A 50 12.88 -7.91 11.30
CA ASP A 50 13.61 -7.86 10.03
C ASP A 50 13.15 -6.71 9.13
N PHE A 51 11.84 -6.61 8.92
CA PHE A 51 11.28 -5.51 8.12
C PHE A 51 11.45 -4.21 8.93
N SER A 52 12.27 -3.28 8.42
CA SER A 52 12.70 -2.14 9.23
C SER A 52 13.10 -0.95 8.37
N PRO A 53 12.69 0.27 8.78
CA PRO A 53 13.15 1.49 8.09
C PRO A 53 14.65 1.73 8.24
N ARG A 54 15.30 1.03 9.17
CA ARG A 54 16.76 1.07 9.24
C ARG A 54 17.43 0.59 7.94
N ARG A 55 16.78 -0.35 7.25
CA ARG A 55 17.30 -0.84 5.98
C ARG A 55 17.21 0.25 4.90
N GLY A 56 16.04 0.88 4.79
CA GLY A 56 15.87 2.02 3.89
C GLY A 56 16.90 3.11 4.19
N ALA A 57 17.11 3.38 5.48
CA ALA A 57 18.10 4.37 5.90
C ALA A 57 19.52 4.06 5.41
N GLU A 58 19.90 2.79 5.53
CA GLU A 58 21.18 2.28 5.04
C GLU A 58 21.34 2.52 3.53
N LEU A 59 20.27 2.23 2.79
CA LEU A 59 20.27 2.41 1.35
C LEU A 59 20.45 3.88 0.96
N VAL A 60 19.78 4.77 1.67
CA VAL A 60 19.87 6.21 1.42
C VAL A 60 21.29 6.72 1.69
N ALA A 61 21.85 6.33 2.83
CA ALA A 61 23.20 6.77 3.22
C ALA A 61 24.23 6.29 2.20
N ARG A 62 24.06 5.07 1.71
CA ARG A 62 24.92 4.53 0.65
C ARG A 62 24.79 5.33 -0.64
N ALA A 63 23.54 5.58 -1.07
CA ALA A 63 23.27 6.42 -2.24
C ALA A 63 23.91 7.81 -2.11
N TRP A 64 23.84 8.37 -0.91
CA TRP A 64 24.36 9.70 -0.63
C TRP A 64 25.88 9.78 -0.77
N THR A 65 26.55 8.66 -0.55
CA THR A 65 28.03 8.64 -0.54
C THR A 65 28.65 7.87 -1.72
N ASP A 66 27.80 7.28 -2.55
CA ASP A 66 28.27 6.41 -3.61
C ASP A 66 27.48 6.73 -4.89
N PRO A 67 28.03 7.62 -5.73
CA PRO A 67 27.30 8.00 -6.97
C PRO A 67 26.87 6.81 -7.83
N GLU A 68 27.71 5.79 -7.90
CA GLU A 68 27.40 4.60 -8.70
C GLU A 68 26.18 3.85 -8.15
N PHE A 69 26.15 3.63 -6.84
CA PHE A 69 25.00 2.99 -6.21
C PHE A 69 23.74 3.87 -6.32
N ARG A 70 23.91 5.18 -6.20
CA ARG A 70 22.78 6.10 -6.27
C ARG A 70 22.10 5.94 -7.64
N GLN A 71 22.92 5.85 -8.68
CA GLN A 71 22.44 5.65 -10.05
C GLN A 71 21.75 4.29 -10.23
N LEU A 72 22.30 3.22 -9.65
CA LEU A 72 21.65 1.91 -9.67
C LEU A 72 20.29 1.95 -8.92
N LEU A 73 20.30 2.56 -7.74
CA LEU A 73 19.09 2.67 -6.92
C LEU A 73 17.96 3.35 -7.69
N LEU A 74 18.29 4.43 -8.40
CA LEU A 74 17.30 5.20 -9.16
C LEU A 74 16.88 4.57 -10.50
N THR A 75 17.64 3.61 -11.01
CA THR A 75 17.31 3.00 -12.31
C THR A 75 16.78 1.59 -12.20
N ASP A 76 17.31 0.83 -11.24
CA ASP A 76 16.84 -0.52 -10.99
C ASP A 76 16.87 -0.70 -9.48
N GLY A 77 15.87 -0.12 -8.81
CA GLY A 77 15.78 -0.16 -7.36
C GLY A 77 15.85 -1.59 -6.83
N THR A 78 15.15 -2.49 -7.51
CA THR A 78 15.14 -3.92 -7.15
C THR A 78 16.56 -4.49 -7.04
N ALA A 79 17.37 -4.29 -8.10
CA ALA A 79 18.76 -4.77 -8.09
C ALA A 79 19.58 -4.19 -6.94
N ALA A 80 19.43 -2.88 -6.73
CA ALA A 80 20.15 -2.17 -5.68
C ALA A 80 19.83 -2.76 -4.30
N VAL A 81 18.53 -2.91 -4.02
CA VAL A 81 18.07 -3.49 -2.77
C VAL A 81 18.54 -4.95 -2.59
N ALA A 82 18.53 -5.70 -3.69
CA ALA A 82 18.94 -7.12 -3.68
C ALA A 82 20.40 -7.29 -3.24
N GLN A 83 21.23 -6.31 -3.55
CA GLN A 83 22.63 -6.34 -3.15
C GLN A 83 22.82 -6.40 -1.64
N TYR A 84 21.87 -5.81 -0.91
CA TYR A 84 21.83 -5.82 0.56
C TYR A 84 21.05 -7.02 1.12
N GLY A 85 20.39 -7.75 0.23
CA GLY A 85 19.54 -8.87 0.62
C GLY A 85 18.23 -8.43 1.24
N TYR A 86 17.75 -7.24 0.86
CA TYR A 86 16.56 -6.65 1.48
C TYR A 86 15.26 -6.75 0.68
N LEU A 87 15.26 -7.54 -0.40
CA LEU A 87 13.98 -7.86 -1.06
C LEU A 87 13.17 -8.78 -0.15
N GLY A 88 11.86 -8.68 -0.25
CA GLY A 88 10.99 -9.54 0.54
C GLY A 88 9.55 -9.32 0.18
N PRO A 89 8.63 -9.94 0.94
CA PRO A 89 7.19 -9.79 0.76
C PRO A 89 6.83 -8.31 0.76
N GLN A 90 6.00 -7.88 -0.20
CA GLN A 90 5.60 -6.48 -0.38
C GLN A 90 6.81 -5.58 -0.64
N GLY A 91 7.84 -6.15 -1.25
CA GLY A 91 9.04 -5.41 -1.59
C GLY A 91 9.89 -6.17 -2.58
N GLU A 92 9.27 -6.64 -3.66
CA GLU A 92 9.95 -7.49 -4.65
C GLU A 92 10.29 -6.70 -5.91
N TYR A 93 9.52 -5.64 -6.17
CA TYR A 93 9.78 -4.73 -7.29
C TYR A 93 9.87 -3.32 -6.70
N ILE A 94 11.10 -2.81 -6.59
CA ILE A 94 11.35 -1.54 -5.89
C ILE A 94 11.68 -0.40 -6.87
N VAL A 95 11.03 0.74 -6.66
CA VAL A 95 11.39 1.98 -7.33
C VAL A 95 11.67 3.05 -6.27
N ALA A 96 12.88 3.59 -6.32
CA ALA A 96 13.27 4.71 -5.46
C ALA A 96 13.01 5.99 -6.22
N VAL A 97 12.43 6.98 -5.56
CA VAL A 97 12.11 8.25 -6.21
C VAL A 97 12.91 9.39 -5.62
N GLU A 98 13.54 10.16 -6.50
CA GLU A 98 14.54 11.14 -6.09
C GLU A 98 13.95 12.55 -5.84
N ASP A 99 14.06 13.04 -4.60
CA ASP A 99 13.78 14.44 -4.28
C ASP A 99 14.88 15.30 -4.91
N THR A 100 14.50 16.51 -5.31
CA THR A 100 15.44 17.49 -5.90
C THR A 100 15.13 18.88 -5.32
N PRO A 101 15.99 19.90 -5.61
CA PRO A 101 15.67 21.25 -5.12
C PRO A 101 14.29 21.75 -5.57
N THR A 102 13.71 21.14 -6.61
CA THR A 102 12.40 21.57 -7.13
C THR A 102 11.33 20.48 -7.08
N LEU A 103 11.58 19.37 -6.37
CA LEU A 103 10.62 18.26 -6.35
C LEU A 103 10.66 17.54 -5.03
N LYS A 104 9.49 17.41 -4.39
CA LYS A 104 9.35 16.61 -3.18
C LYS A 104 8.39 15.46 -3.45
N ASN A 105 8.86 14.25 -3.23
CA ASN A 105 8.05 13.04 -3.44
C ASN A 105 7.42 12.52 -2.15
N VAL A 106 6.21 11.98 -2.26
CA VAL A 106 5.48 11.45 -1.09
C VAL A 106 4.73 10.19 -1.53
N ILE A 107 4.70 9.19 -0.66
CA ILE A 107 4.09 7.89 -0.98
C ILE A 107 2.82 7.66 -0.14
N VAL A 108 1.81 7.08 -0.76
CA VAL A 108 0.58 6.66 -0.07
C VAL A 108 0.07 5.38 -0.76
N CYS A 109 -0.86 4.70 -0.09
CA CYS A 109 -1.73 3.74 -0.74
C CYS A 109 -3.18 4.14 -0.45
N SER A 110 -3.79 4.89 -1.36
CA SER A 110 -5.10 5.42 -1.10
C SER A 110 -6.14 4.31 -0.94
N LEU A 111 -5.92 3.17 -1.61
CA LEU A 111 -6.93 2.09 -1.66
C LEU A 111 -6.85 1.10 -0.48
N CSD A 112 -5.73 1.15 0.25
CA CSD A 112 -5.52 0.28 1.44
CB CSD A 112 -5.52 -1.22 1.11
SG CSD A 112 -4.39 -1.60 -0.35
C CSD A 112 -4.33 0.69 2.30
O CSD A 112 -4.49 1.50 3.21
OD1 CSD A 112 -4.46 -3.13 -0.32
OD2 CSD A 112 -4.97 -0.98 -1.65
N SER A 113 -3.13 0.14 2.05
CA SER A 113 -1.96 0.42 2.92
C SER A 113 -0.60 0.01 2.34
N CSO A 114 -0.61 -0.37 1.07
CA CSO A 114 0.56 -0.88 0.35
CB CSO A 114 0.24 -1.03 -1.14
SG CSO A 114 -1.28 -1.97 -1.41
C CSO A 114 1.78 -0.02 0.60
O CSO A 114 1.75 1.22 0.46
OD CSO A 114 -0.92 -3.22 -0.49
N THR A 115 2.87 -0.70 0.96
CA THR A 115 4.10 -0.13 1.51
C THR A 115 5.21 -1.12 1.22
N ALA A 116 6.41 -0.60 0.93
CA ALA A 116 7.62 -1.46 0.78
C ALA A 116 8.06 -2.00 2.15
N TRP A 117 7.33 -3.00 2.65
CA TRP A 117 7.56 -3.53 4.00
C TRP A 117 9.03 -3.80 4.39
N PRO A 118 9.80 -4.54 3.54
CA PRO A 118 11.10 -4.97 4.07
C PRO A 118 12.09 -3.83 4.35
N ILE A 119 11.96 -2.72 3.65
CA ILE A 119 12.92 -1.62 3.76
C ILE A 119 12.37 -0.36 4.45
N LEU A 120 11.05 -0.28 4.56
CA LEU A 120 10.40 0.79 5.30
C LEU A 120 9.79 0.35 6.62
N GLY A 121 9.62 -0.97 6.79
CA GLY A 121 8.86 -1.50 7.92
C GLY A 121 7.37 -1.53 7.56
N LEU A 122 6.58 -2.32 8.31
CA LEU A 122 5.13 -2.30 8.13
C LEU A 122 4.60 -0.86 8.32
N PRO A 123 3.55 -0.48 7.55
CA PRO A 123 3.09 0.90 7.63
C PRO A 123 2.65 1.26 9.05
N PRO A 124 2.85 2.53 9.45
CA PRO A 124 2.35 2.98 10.73
C PRO A 124 0.83 3.25 10.67
N THR A 125 0.16 3.24 11.81
CA THR A 125 -1.28 3.48 11.88
C THR A 125 -1.70 4.71 11.06
N TRP A 126 -0.95 5.80 11.20
CA TRP A 126 -1.33 7.05 10.54
C TRP A 126 -1.36 6.95 9.00
N TYR A 127 -0.44 6.16 8.45
CA TYR A 127 -0.32 5.97 6.99
C TYR A 127 -1.55 5.25 6.44
N LYS A 128 -2.10 4.37 7.28
CA LYS A 128 -3.30 3.59 6.97
C LYS A 128 -4.60 4.34 7.30
N SER A 129 -4.50 5.54 7.87
CA SER A 129 -5.68 6.26 8.32
C SER A 129 -6.48 6.72 7.11
N PHE A 130 -7.78 6.83 7.28
CA PHE A 130 -8.62 7.38 6.24
C PHE A 130 -8.22 8.82 5.95
N GLU A 131 -7.76 9.52 6.99
CA GLU A 131 -7.34 10.93 6.82
C GLU A 131 -6.21 11.04 5.80
N TYR A 132 -5.17 10.21 5.97
CA TYR A 132 -4.00 10.26 5.10
C TYR A 132 -4.39 9.76 3.70
N ARG A 133 -5.12 8.64 3.68
CA ARG A 133 -5.56 8.02 2.43
C ARG A 133 -6.43 8.90 1.57
N ALA A 134 -7.29 9.70 2.22
CA ALA A 134 -8.16 10.59 1.49
C ALA A 134 -7.48 11.91 1.08
N ARG A 135 -6.69 12.46 1.98
CA ARG A 135 -6.23 13.85 1.83
C ARG A 135 -4.92 14.04 1.06
N VAL A 136 -3.94 13.17 1.29
CA VAL A 136 -2.60 13.47 0.75
C VAL A 136 -2.54 13.53 -0.78
N VAL A 137 -3.39 12.76 -1.45
CA VAL A 137 -3.41 12.79 -2.93
C VAL A 137 -3.90 14.16 -3.44
N ARG A 138 -4.81 14.77 -2.69
CA ARG A 138 -5.45 16.03 -3.13
C ARG A 138 -4.82 17.31 -2.56
N GLU A 139 -4.38 17.26 -1.31
CA GLU A 139 -3.76 18.41 -0.65
C GLU A 139 -2.50 18.01 0.13
N PRO A 140 -1.49 17.48 -0.58
CA PRO A 140 -0.25 17.04 0.06
C PRO A 140 0.50 18.16 0.76
N ARG A 141 0.45 19.37 0.21
CA ARG A 141 1.14 20.49 0.86
C ARG A 141 0.56 20.79 2.25
N LYS A 142 -0.76 20.91 2.33
CA LYS A 142 -1.43 21.14 3.61
C LYS A 142 -1.21 19.99 4.60
N VAL A 143 -1.31 18.76 4.09
CA VAL A 143 -1.09 17.58 4.93
C VAL A 143 0.34 17.55 5.49
N LEU A 144 1.35 17.72 4.64
CA LEU A 144 2.73 17.77 5.16
C LEU A 144 2.90 18.91 6.15
N SER A 145 2.33 20.07 5.85
CA SER A 145 2.43 21.20 6.76
C SER A 145 1.87 20.88 8.15
N GLU A 146 0.68 20.28 8.19
CA GLU A 146 0.03 19.87 9.41
C GLU A 146 0.86 18.83 10.16
N MET A 147 1.53 17.98 9.40
CA MET A 147 2.42 16.98 9.98
C MET A 147 3.77 17.55 10.42
N GLY A 148 4.04 18.82 10.12
CA GLY A 148 5.29 19.46 10.59
C GLY A 148 6.38 19.63 9.54
N THR A 149 6.01 19.49 8.27
CA THR A 149 6.95 19.62 7.16
C THR A 149 6.45 20.67 6.20
N GLU A 150 7.16 21.79 6.14
CA GLU A 150 6.79 22.89 5.28
C GLU A 150 7.50 22.77 3.90
N ILE A 151 6.70 22.67 2.84
CA ILE A 151 7.23 22.59 1.49
C ILE A 151 6.92 23.90 0.78
N ALA A 152 7.98 24.62 0.42
CA ALA A 152 7.86 25.92 -0.25
C ALA A 152 7.13 25.87 -1.58
N SER A 153 6.64 27.04 -1.99
CA SER A 153 5.92 27.23 -3.25
C SER A 153 6.72 26.84 -4.49
N ASP A 154 8.05 27.03 -4.45
CA ASP A 154 8.91 26.74 -5.61
C ASP A 154 9.17 25.23 -5.80
N ILE A 155 8.55 24.41 -4.95
CA ILE A 155 8.78 22.97 -5.03
C ILE A 155 7.51 22.22 -5.46
N GLU A 156 7.62 21.44 -6.53
CA GLU A 156 6.55 20.56 -6.96
C GLU A 156 6.43 19.41 -5.97
N ILE A 157 5.20 19.14 -5.52
CA ILE A 157 4.98 17.92 -4.74
C ILE A 157 4.38 16.89 -5.69
N ARG A 158 4.96 15.70 -5.67
CA ARG A 158 4.53 14.56 -6.46
C ARG A 158 4.16 13.41 -5.52
N VAL A 159 2.91 12.96 -5.61
CA VAL A 159 2.40 11.93 -4.73
C VAL A 159 2.34 10.62 -5.53
N TYR A 160 3.02 9.60 -5.04
CA TYR A 160 2.95 8.28 -5.65
C TYR A 160 1.87 7.46 -4.94
N ASP A 161 0.82 7.09 -5.68
CA ASP A 161 -0.24 6.25 -5.11
C ASP A 161 0.09 4.78 -5.44
N THR A 162 0.33 3.98 -4.41
CA THR A 162 0.79 2.59 -4.55
C THR A 162 -0.39 1.67 -4.89
N THR A 163 -0.70 1.61 -6.17
CA THR A 163 -1.94 0.98 -6.63
C THR A 163 -1.73 -0.41 -7.20
N ALA A 164 -0.46 -0.78 -7.43
CA ALA A 164 -0.18 -2.08 -8.01
C ALA A 164 0.96 -2.78 -7.28
N GLU A 165 1.94 -3.31 -8.00
CA GLU A 165 3.03 -4.06 -7.36
C GLU A 165 4.32 -3.27 -7.15
N THR A 166 4.46 -2.10 -7.80
CA THR A 166 5.62 -1.25 -7.50
C THR A 166 5.57 -0.88 -6.02
N ARG A 167 6.73 -0.94 -5.37
CA ARG A 167 6.85 -0.61 -3.95
C ARG A 167 7.92 0.46 -3.86
N TYR A 168 7.54 1.61 -3.30
CA TYR A 168 8.34 2.82 -3.41
C TYR A 168 9.13 3.16 -2.16
N MET A 169 10.27 3.81 -2.35
CA MET A 169 10.94 4.52 -1.27
C MET A 169 11.36 5.88 -1.79
N VAL A 170 11.30 6.88 -0.93
CA VAL A 170 11.78 8.21 -1.28
C VAL A 170 13.29 8.29 -0.96
N LEU A 171 14.05 8.79 -1.92
CA LEU A 171 15.44 9.17 -1.67
C LEU A 171 15.49 10.67 -1.39
N PRO A 172 15.53 11.07 -0.10
CA PRO A 172 15.49 12.51 0.16
C PRO A 172 16.80 13.18 -0.26
N GLN A 173 16.76 14.50 -0.33
CA GLN A 173 17.97 15.30 -0.51
C GLN A 173 18.85 15.17 0.73
N ARG A 174 20.16 15.09 0.50
CA ARG A 174 21.12 15.16 1.59
C ARG A 174 21.22 16.58 2.11
N PRO A 175 20.90 16.80 3.39
CA PRO A 175 20.95 18.13 3.97
C PRO A 175 22.36 18.67 4.11
N ALA A 176 22.47 19.98 3.91
CA ALA A 176 23.72 20.69 4.18
C ALA A 176 24.11 20.50 5.64
N GLY A 177 25.41 20.52 5.92
CA GLY A 177 25.90 20.30 7.27
C GLY A 177 26.25 18.87 7.57
N THR A 178 26.15 17.98 6.57
CA THR A 178 26.50 16.57 6.75
C THR A 178 27.74 16.20 5.93
N GLU A 179 28.46 17.21 5.44
CA GLU A 179 29.62 16.96 4.57
C GLU A 179 30.64 16.11 5.32
N GLY A 180 31.08 15.02 4.70
CA GLY A 180 32.10 14.15 5.31
C GLY A 180 31.59 13.15 6.33
N TRP A 181 30.30 13.21 6.68
CA TRP A 181 29.73 12.25 7.63
C TRP A 181 29.90 10.81 7.14
N SER A 182 30.06 9.88 8.10
CA SER A 182 30.15 8.46 7.78
C SER A 182 28.77 7.94 7.38
N GLN A 183 28.73 6.75 6.76
CA GLN A 183 27.45 6.12 6.42
C GLN A 183 26.59 5.92 7.67
N GLU A 184 27.22 5.54 8.79
CA GLU A 184 26.47 5.36 10.04
C GLU A 184 25.86 6.68 10.56
N GLN A 185 26.61 7.77 10.45
CA GLN A 185 26.09 9.08 10.88
C GLN A 185 24.92 9.51 9.99
N LEU A 186 25.06 9.26 8.70
CA LEU A 186 24.02 9.64 7.73
C LEU A 186 22.74 8.81 7.94
N GLN A 187 22.92 7.52 8.17
CA GLN A 187 21.77 6.62 8.41
C GLN A 187 20.89 7.11 9.55
N GLU A 188 21.54 7.61 10.59
CA GLU A 188 20.87 8.00 11.82
C GLU A 188 19.80 9.09 11.58
N ILE A 189 20.00 9.94 10.58
CA ILE A 189 19.07 11.05 10.34
C ILE A 189 18.01 10.73 9.27
N VAL A 190 18.12 9.56 8.64
CA VAL A 190 17.10 9.10 7.70
C VAL A 190 16.07 8.24 8.45
N THR A 191 14.90 8.80 8.72
CA THR A 191 13.90 8.11 9.52
C THR A 191 12.85 7.44 8.61
N LYS A 192 11.99 6.64 9.23
CA LYS A 192 10.86 6.02 8.53
C LYS A 192 10.07 7.07 7.72
N ASP A 193 9.81 8.20 8.35
CA ASP A 193 9.02 9.27 7.72
C ASP A 193 9.72 9.93 6.53
N CYS A 194 11.05 9.93 6.55
CA CYS A 194 11.83 10.43 5.42
C CYS A 194 11.66 9.50 4.22
N LEU A 195 11.64 8.19 4.48
CA LEU A 195 11.46 7.18 3.44
C LEU A 195 10.05 7.18 2.82
N ILE A 196 9.04 7.49 3.63
CA ILE A 196 7.66 7.59 3.13
C ILE A 196 7.48 8.90 2.37
N GLY A 197 8.22 9.92 2.80
CA GLY A 197 8.32 11.17 2.05
C GLY A 197 7.67 12.34 2.78
N VAL A 198 7.10 12.08 3.96
CA VAL A 198 6.44 13.16 4.73
C VAL A 198 7.40 14.02 5.55
N ALA A 199 8.62 13.54 5.74
CA ALA A 199 9.62 14.29 6.50
C ALA A 199 10.90 14.47 5.69
N ILE A 200 11.64 15.51 6.05
CA ILE A 200 12.95 15.81 5.48
C ILE A 200 14.00 15.50 6.57
N PRO A 201 15.10 14.83 6.21
CA PRO A 201 16.16 14.55 7.21
C PRO A 201 16.62 15.83 7.91
N GLN A 202 16.77 15.75 9.23
CA GLN A 202 17.14 16.88 10.09
C GLN A 202 18.57 16.72 10.61
N VAL A 203 19.33 17.80 10.53
CA VAL A 203 20.68 17.85 11.10
C VAL A 203 20.59 18.58 12.45
N PRO A 204 21.15 17.99 13.52
CA PRO A 204 21.11 18.68 14.82
C PRO A 204 21.80 20.04 14.84
N THR A 205 21.33 20.92 15.73
CA THR A 205 21.97 22.19 16.02
C THR A 205 23.35 21.96 16.66
N MET B 1 -14.42 -1.64 -8.12
CA MET B 1 -15.63 -1.51 -7.24
C MET B 1 -15.64 -0.11 -6.63
N ASP B 2 -16.72 0.65 -6.87
CA ASP B 2 -16.80 2.03 -6.42
C ASP B 2 -17.21 2.06 -4.95
N GLY B 3 -16.41 1.42 -4.10
CA GLY B 3 -16.73 1.26 -2.70
C GLY B 3 -16.21 2.42 -1.88
N VAL B 4 -16.60 2.46 -0.62
CA VAL B 4 -16.12 3.52 0.29
C VAL B 4 -14.60 3.46 0.53
N HIS B 5 -13.99 2.31 0.24
CA HIS B 5 -12.54 2.15 0.34
C HIS B 5 -11.77 3.07 -0.62
N ASP B 6 -12.44 3.58 -1.65
CA ASP B 6 -11.78 4.37 -2.68
C ASP B 6 -11.84 5.82 -2.16
N LEU B 7 -10.93 6.12 -1.24
CA LEU B 7 -11.00 7.34 -0.41
C LEU B 7 -10.27 8.55 -0.98
N ALA B 8 -9.31 8.32 -1.87
CA ALA B 8 -8.53 9.44 -2.42
C ALA B 8 -9.45 10.53 -2.97
N GLY B 9 -9.23 11.76 -2.52
CA GLY B 9 -10.02 12.90 -3.01
C GLY B 9 -11.26 13.21 -2.17
N VAL B 10 -11.68 12.28 -1.30
CA VAL B 10 -12.80 12.53 -0.37
C VAL B 10 -12.49 13.69 0.57
N GLN B 11 -13.47 14.58 0.71
CA GLN B 11 -13.30 15.78 1.50
C GLN B 11 -14.10 15.70 2.79
N GLY B 12 -13.59 16.32 3.86
CA GLY B 12 -14.28 16.33 5.15
C GLY B 12 -13.51 15.67 6.28
N PHE B 13 -12.45 14.95 5.95
CA PHE B 13 -11.61 14.36 7.01
C PHE B 13 -10.74 15.41 7.70
N GLY B 14 -10.43 15.13 8.97
CA GLY B 14 -9.58 16.01 9.77
C GLY B 14 -8.09 15.73 9.63
N LYS B 15 -7.31 16.14 10.64
CA LYS B 15 -5.84 16.03 10.56
C LYS B 15 -5.41 14.58 10.58
N VAL B 16 -4.35 14.28 9.83
CA VAL B 16 -3.67 13.00 9.98
C VAL B 16 -3.15 12.86 11.42
N PRO B 17 -3.44 11.71 12.07
CA PRO B 17 -3.03 11.56 13.47
C PRO B 17 -1.55 11.25 13.62
N HIS B 18 -0.70 12.20 13.24
CA HIS B 18 0.75 12.04 13.31
C HIS B 18 1.42 13.39 13.13
N THR B 19 2.55 13.58 13.78
CA THR B 19 3.47 14.64 13.34
C THR B 19 4.80 13.95 13.06
N VAL B 20 5.60 14.53 12.17
CA VAL B 20 6.75 13.78 11.67
C VAL B 20 7.70 13.30 12.78
N ASN B 21 8.08 12.02 12.67
CA ASN B 21 9.02 11.37 13.59
C ASN B 21 8.50 11.16 15.01
N ALA B 22 7.20 11.34 15.20
CA ALA B 22 6.55 11.04 16.48
C ALA B 22 6.66 9.54 16.72
N ASP B 23 6.68 9.15 18.00
CA ASP B 23 6.73 7.76 18.40
C ASP B 23 5.47 7.06 17.90
N ILE B 24 5.65 5.99 17.12
CA ILE B 24 4.50 5.26 16.60
C ILE B 24 4.24 3.97 17.40
N GLY B 25 5.04 3.77 18.44
CA GLY B 25 4.92 2.60 19.31
C GLY B 25 5.47 1.35 18.65
N PRO B 26 5.16 0.16 19.22
CA PRO B 26 5.65 -1.09 18.66
C PRO B 26 4.95 -1.42 17.34
N THR B 27 5.50 -2.37 16.58
CA THR B 27 4.87 -2.78 15.32
C THR B 27 3.41 -3.18 15.54
N PHE B 28 3.18 -3.96 16.59
CA PHE B 28 1.85 -4.44 16.92
C PHE B 28 1.45 -3.92 18.29
N HIS B 29 0.27 -3.34 18.36
CA HIS B 29 -0.23 -2.67 19.55
C HIS B 29 -1.12 -3.57 20.41
N ALA B 30 -1.43 -4.75 19.88
CA ALA B 30 -2.15 -5.79 20.62
C ALA B 30 -1.62 -7.17 20.25
N GLU B 31 -1.83 -8.14 21.13
CA GLU B 31 -1.22 -9.47 20.95
C GLU B 31 -1.74 -10.27 19.76
N TRP B 32 -2.90 -9.90 19.24
CA TRP B 32 -3.51 -10.56 18.07
C TRP B 32 -3.13 -9.94 16.71
N GLU B 33 -2.52 -8.74 16.71
CA GLU B 33 -2.40 -7.95 15.45
C GLU B 33 -1.54 -8.57 14.33
N HIS B 34 -0.63 -9.48 14.69
CA HIS B 34 0.18 -10.16 13.68
C HIS B 34 -0.60 -11.25 12.96
N LEU B 35 -1.73 -11.67 13.53
CA LEU B 35 -2.48 -12.78 12.94
C LEU B 35 -3.05 -12.53 11.54
N PRO B 36 -3.74 -11.39 11.30
CA PRO B 36 -4.26 -11.21 9.92
C PRO B 36 -3.24 -11.39 8.79
N TYR B 37 -2.10 -10.71 8.87
CA TYR B 37 -1.08 -10.87 7.83
C TYR B 37 -0.49 -12.28 7.80
N SER B 38 -0.21 -12.83 8.97
CA SER B 38 0.38 -14.17 9.08
C SER B 38 -0.56 -15.22 8.46
N LEU B 39 -1.84 -15.13 8.80
CA LEU B 39 -2.85 -16.08 8.29
C LEU B 39 -3.22 -15.83 6.83
N MET B 40 -3.13 -14.58 6.39
CA MET B 40 -3.18 -14.30 4.95
C MET B 40 -2.08 -15.07 4.21
N PHE B 41 -0.84 -15.01 4.70
CA PHE B 41 0.27 -15.70 4.06
C PHE B 41 0.11 -17.21 4.11
N ALA B 42 -0.40 -17.70 5.24
CA ALA B 42 -0.76 -19.12 5.32
C ALA B 42 -1.74 -19.48 4.19
N GLY B 43 -2.80 -18.69 4.07
CA GLY B 43 -3.79 -18.88 3.01
C GLY B 43 -3.19 -18.82 1.61
N VAL B 44 -2.31 -17.87 1.38
CA VAL B 44 -1.75 -17.70 0.03
C VAL B 44 -0.69 -18.78 -0.27
N ALA B 45 0.29 -18.90 0.62
CA ALA B 45 1.52 -19.66 0.35
C ALA B 45 1.48 -21.12 0.80
N GLU B 46 0.78 -21.38 1.90
CA GLU B 46 0.72 -22.73 2.45
C GLU B 46 -0.48 -23.50 1.95
N LEU B 47 -1.67 -22.92 2.09
CA LEU B 47 -2.92 -23.54 1.66
C LEU B 47 -3.18 -23.39 0.15
N GLY B 48 -2.65 -22.34 -0.45
CA GLY B 48 -2.96 -21.98 -1.83
C GLY B 48 -4.45 -21.73 -2.04
N ALA B 49 -5.12 -21.23 -1.01
CA ALA B 49 -6.58 -21.09 -1.01
C ALA B 49 -7.06 -19.81 -1.69
N PHE B 50 -6.20 -18.81 -1.73
CA PHE B 50 -6.54 -17.52 -2.34
C PHE B 50 -5.30 -16.72 -2.70
N SER B 51 -5.51 -15.64 -3.45
CA SER B 51 -4.45 -14.71 -3.80
C SER B 51 -4.44 -13.48 -2.89
N VAL B 52 -3.34 -12.72 -2.93
CA VAL B 52 -3.29 -11.45 -2.21
C VAL B 52 -4.43 -10.53 -2.72
N ASP B 53 -4.67 -10.56 -4.04
CA ASP B 53 -5.68 -9.68 -4.64
C ASP B 53 -7.07 -9.99 -4.07
N GLU B 54 -7.35 -11.28 -3.86
CA GLU B 54 -8.61 -11.68 -3.23
C GLU B 54 -8.77 -11.12 -1.82
N VAL B 55 -7.66 -10.99 -1.10
CA VAL B 55 -7.69 -10.37 0.23
C VAL B 55 -8.04 -8.88 0.10
N ARG B 56 -7.43 -8.18 -0.85
CA ARG B 56 -7.81 -6.78 -1.02
C ARG B 56 -9.29 -6.66 -1.34
N TYR B 57 -9.76 -7.50 -2.28
CA TYR B 57 -11.15 -7.45 -2.67
C TYR B 57 -12.14 -7.80 -1.53
N VAL B 58 -11.84 -8.84 -0.75
CA VAL B 58 -12.75 -9.22 0.34
C VAL B 58 -12.90 -8.08 1.39
N VAL B 59 -11.82 -7.34 1.61
CA VAL B 59 -11.88 -6.15 2.47
C VAL B 59 -12.74 -5.03 1.84
N GLU B 60 -12.60 -4.82 0.53
CA GLU B 60 -13.47 -3.90 -0.20
C GLU B 60 -14.94 -4.32 -0.08
N ARG B 61 -15.18 -5.61 0.12
CA ARG B 61 -16.54 -6.15 0.22
C ARG B 61 -17.17 -6.05 1.61
N MET B 62 -16.43 -5.51 2.58
CA MET B 62 -17.05 -5.25 3.90
C MET B 62 -18.25 -4.36 3.69
N GLU B 63 -19.35 -4.61 4.41
CA GLU B 63 -20.48 -3.67 4.36
C GLU B 63 -19.90 -2.25 4.66
N PRO B 64 -20.31 -1.21 3.88
CA PRO B 64 -19.65 0.11 3.93
C PRO B 64 -19.52 0.75 5.32
N ARG B 65 -20.61 0.76 6.09
CA ARG B 65 -20.54 1.29 7.46
C ARG B 65 -19.60 0.46 8.33
N HIS B 66 -19.66 -0.85 8.15
CA HIS B 66 -18.76 -1.78 8.85
C HIS B 66 -17.30 -1.39 8.53
N TYR B 67 -16.98 -1.23 7.24
CA TYR B 67 -15.64 -0.82 6.83
C TYR B 67 -15.20 0.46 7.57
N MET B 68 -16.09 1.46 7.61
CA MET B 68 -15.75 2.81 8.07
C MET B 68 -15.48 2.86 9.58
N MET B 69 -16.06 1.94 10.34
CA MET B 69 -15.87 1.94 11.81
C MET B 69 -14.87 0.88 12.30
N THR B 70 -14.24 0.16 11.38
CA THR B 70 -13.37 -0.96 11.74
C THR B 70 -11.88 -0.62 11.61
N PRO B 71 -11.10 -0.82 12.71
CA PRO B 71 -9.66 -0.58 12.61
C PRO B 71 -9.01 -1.43 11.53
N TYR B 72 -7.93 -0.91 10.95
CA TYR B 72 -7.23 -1.57 9.87
C TYR B 72 -6.99 -3.10 10.05
N TYR B 73 -6.29 -3.51 11.11
CA TYR B 73 -5.94 -4.93 11.26
C TYR B 73 -7.18 -5.80 11.43
N GLU B 74 -8.20 -5.26 12.09
CA GLU B 74 -9.45 -5.99 12.22
C GLU B 74 -10.14 -6.19 10.88
N ARG B 75 -10.03 -5.22 9.97
CA ARG B 75 -10.59 -5.45 8.63
C ARG B 75 -9.99 -6.71 7.98
N TYR B 76 -8.69 -6.92 8.20
CA TYR B 76 -8.01 -8.09 7.62
C TYR B 76 -8.33 -9.39 8.32
N VAL B 77 -8.60 -9.34 9.62
CA VAL B 77 -9.11 -10.52 10.32
C VAL B 77 -10.46 -10.91 9.71
N ILE B 78 -11.34 -9.94 9.59
CA ILE B 78 -12.64 -10.15 8.96
C ILE B 78 -12.51 -10.65 7.51
N GLY B 79 -11.60 -10.05 6.75
CA GLY B 79 -11.41 -10.44 5.33
C GLY B 79 -10.91 -11.87 5.16
N VAL B 80 -9.84 -12.21 5.89
CA VAL B 80 -9.25 -13.54 5.81
C VAL B 80 -10.24 -14.59 6.30
N ALA B 81 -10.93 -14.32 7.40
CA ALA B 81 -12.02 -15.22 7.85
C ALA B 81 -13.10 -15.42 6.78
N THR B 82 -13.50 -14.34 6.11
CA THR B 82 -14.50 -14.43 5.05
C THR B 82 -14.01 -15.34 3.92
N LEU B 83 -12.77 -15.12 3.48
CA LEU B 83 -12.20 -15.96 2.42
C LEU B 83 -12.18 -17.44 2.83
N MET B 84 -11.77 -17.69 4.07
CA MET B 84 -11.71 -19.08 4.56
C MET B 84 -13.09 -19.74 4.54
N VAL B 85 -14.13 -18.98 4.88
CA VAL B 85 -15.50 -19.49 4.77
C VAL B 85 -15.90 -19.69 3.31
N GLU B 86 -15.67 -18.68 2.47
CA GLU B 86 -16.04 -18.72 1.06
C GLU B 86 -15.38 -19.86 0.29
N LYS B 87 -14.13 -20.17 0.64
CA LYS B 87 -13.38 -21.24 0.00
C LYS B 87 -13.67 -22.63 0.62
N GLY B 88 -14.57 -22.68 1.59
CA GLY B 88 -15.02 -23.93 2.17
C GLY B 88 -14.06 -24.56 3.16
N ILE B 89 -13.08 -23.78 3.63
CA ILE B 89 -12.06 -24.25 4.56
C ILE B 89 -12.59 -24.21 6.01
N LEU B 90 -13.34 -23.16 6.31
CA LEU B 90 -13.96 -22.96 7.61
C LEU B 90 -15.44 -22.67 7.45
N THR B 91 -16.17 -22.80 8.55
CA THR B 91 -17.58 -22.39 8.58
C THR B 91 -17.73 -21.19 9.49
N GLN B 92 -18.75 -20.39 9.23
CA GLN B 92 -18.98 -19.23 10.10
C GLN B 92 -19.40 -19.69 11.48
N ASP B 93 -20.14 -20.81 11.52
CA ASP B 93 -20.57 -21.35 12.79
C ASP B 93 -19.40 -21.78 13.69
N GLU B 94 -18.34 -22.37 13.11
CA GLU B 94 -17.22 -22.75 13.95
C GLU B 94 -16.42 -21.52 14.40
N LEU B 95 -16.36 -20.49 13.57
CA LEU B 95 -15.71 -19.24 13.98
C LEU B 95 -16.45 -18.56 15.13
N GLU B 96 -17.79 -18.55 15.04
CA GLU B 96 -18.59 -17.93 16.08
C GLU B 96 -18.59 -18.75 17.36
N SER B 97 -18.57 -20.07 17.23
CA SER B 97 -18.42 -20.95 18.40
C SER B 97 -17.09 -20.69 19.12
N LEU B 98 -16.02 -20.63 18.34
CA LEU B 98 -14.70 -20.41 18.91
C LEU B 98 -14.56 -19.01 19.49
N ALA B 99 -15.17 -18.02 18.81
CA ALA B 99 -15.08 -16.62 19.25
C ALA B 99 -15.98 -16.32 20.45
N GLY B 100 -16.99 -17.15 20.66
CA GLY B 100 -17.96 -16.97 21.75
C GLY B 100 -18.95 -15.86 21.45
N GLY B 101 -19.21 -15.61 20.17
CA GLY B 101 -20.15 -14.55 19.81
C GLY B 101 -20.12 -14.25 18.33
N PRO B 102 -20.84 -13.17 17.92
CA PRO B 102 -21.01 -12.83 16.50
C PRO B 102 -19.69 -12.52 15.81
N PHE B 103 -19.54 -13.02 14.59
CA PHE B 103 -18.36 -12.81 13.76
C PHE B 103 -18.89 -12.49 12.36
N PRO B 104 -19.53 -11.31 12.19
CA PRO B 104 -20.03 -10.91 10.87
C PRO B 104 -18.89 -10.79 9.87
N LEU B 105 -19.17 -11.17 8.62
CA LEU B 105 -18.16 -11.27 7.58
C LEU B 105 -18.38 -10.21 6.49
N SER B 106 -17.49 -10.16 5.52
CA SER B 106 -17.71 -9.30 4.35
C SER B 106 -18.92 -9.82 3.57
N ARG B 107 -19.54 -8.94 2.80
CA ARG B 107 -20.70 -9.29 1.98
C ARG B 107 -20.26 -10.10 0.78
N PRO B 108 -21.14 -10.99 0.28
CA PRO B 108 -20.82 -11.76 -0.93
C PRO B 108 -20.49 -10.85 -2.10
N SER B 109 -19.64 -11.35 -3.00
CA SER B 109 -19.30 -10.62 -4.21
C SER B 109 -20.53 -10.50 -5.12
N GLU B 110 -20.67 -9.33 -5.71
CA GLU B 110 -21.73 -9.09 -6.68
C GLU B 110 -21.22 -9.07 -8.12
N SER B 111 -19.98 -9.47 -8.31
CA SER B 111 -19.38 -9.57 -9.65
C SER B 111 -18.50 -10.81 -9.72
N GLU B 112 -18.50 -11.47 -10.87
CA GLU B 112 -17.63 -12.63 -11.09
C GLU B 112 -16.24 -12.18 -11.55
N GLY B 113 -16.02 -10.86 -11.63
CA GLY B 113 -14.75 -10.34 -12.10
C GLY B 113 -14.75 -10.24 -13.62
N ARG B 114 -13.59 -9.99 -14.19
CA ARG B 114 -13.46 -9.92 -15.65
C ARG B 114 -12.07 -10.39 -16.06
N PRO B 115 -11.91 -10.91 -17.29
CA PRO B 115 -10.60 -11.42 -17.73
C PRO B 115 -9.62 -10.28 -17.97
N ALA B 116 -8.34 -10.63 -18.07
CA ALA B 116 -7.36 -9.69 -18.59
C ALA B 116 -7.87 -9.26 -19.95
N PRO B 117 -7.81 -7.95 -20.25
CA PRO B 117 -8.27 -7.42 -21.53
C PRO B 117 -7.57 -8.11 -22.71
N VAL B 118 -8.31 -8.37 -23.76
CA VAL B 118 -7.75 -9.03 -24.95
C VAL B 118 -6.93 -8.03 -25.79
N GLU B 119 -7.36 -6.78 -25.84
CA GLU B 119 -6.67 -5.79 -26.65
C GLU B 119 -6.13 -4.67 -25.79
N THR B 120 -4.80 -4.62 -25.72
CA THR B 120 -4.07 -3.59 -24.98
C THR B 120 -2.90 -3.08 -25.84
N THR B 121 -2.26 -2.01 -25.38
CA THR B 121 -1.13 -1.41 -26.12
C THR B 121 0.10 -1.40 -25.23
N THR B 122 1.25 -1.70 -25.81
CA THR B 122 2.50 -1.50 -25.10
C THR B 122 2.87 -0.02 -25.19
N PHE B 123 2.82 0.69 -24.07
CA PHE B 123 3.14 2.11 -24.06
C PHE B 123 4.62 2.37 -23.75
N GLU B 124 5.11 3.53 -24.18
CA GLU B 124 6.50 3.90 -23.97
C GLU B 124 6.57 5.09 -23.04
N VAL B 125 7.71 5.25 -22.38
CA VAL B 125 7.94 6.41 -21.53
C VAL B 125 7.76 7.70 -22.36
N GLY B 126 7.01 8.64 -21.82
CA GLY B 126 6.79 9.91 -22.49
C GLY B 126 5.46 9.99 -23.21
N GLN B 127 4.86 8.83 -23.45
CA GLN B 127 3.59 8.77 -24.18
C GLN B 127 2.42 9.22 -23.33
N ARG B 128 1.46 9.87 -23.98
CA ARG B 128 0.27 10.36 -23.32
C ARG B 128 -0.77 9.25 -23.36
N VAL B 129 -1.38 8.96 -22.22
CA VAL B 129 -2.40 7.90 -22.15
C VAL B 129 -3.63 8.40 -21.41
N ARG B 130 -4.77 7.79 -21.69
CA ARG B 130 -6.00 8.07 -20.96
C ARG B 130 -6.40 6.81 -20.23
N VAL B 131 -6.85 6.97 -18.99
CA VAL B 131 -7.39 5.85 -18.21
C VAL B 131 -8.78 5.53 -18.79
N ARG B 132 -8.97 4.27 -19.18
CA ARG B 132 -10.19 3.83 -19.84
C ARG B 132 -11.41 4.23 -19.02
N ASP B 133 -12.41 4.80 -19.68
CA ASP B 133 -13.64 5.25 -19.01
C ASP B 133 -14.57 4.06 -18.85
N GLU B 134 -14.22 3.20 -17.90
CA GLU B 134 -14.93 1.94 -17.67
C GLU B 134 -15.32 1.84 -16.20
N TYR B 135 -16.44 1.18 -15.94
CA TYR B 135 -16.90 0.94 -14.58
C TYR B 135 -16.88 -0.57 -14.32
N VAL B 136 -16.17 -0.94 -13.24
CA VAL B 136 -15.97 -2.36 -12.88
C VAL B 136 -16.54 -2.61 -11.49
N PRO B 137 -17.60 -3.42 -11.37
CA PRO B 137 -18.24 -3.67 -10.06
C PRO B 137 -17.40 -4.55 -9.14
N GLY B 138 -16.51 -5.36 -9.72
CA GLY B 138 -15.63 -6.23 -8.94
C GLY B 138 -14.34 -5.51 -8.67
N HIS B 139 -13.31 -6.29 -8.34
CA HIS B 139 -12.02 -5.73 -7.96
C HIS B 139 -11.37 -4.98 -9.13
N ILE B 140 -10.82 -3.80 -8.86
CA ILE B 140 -10.03 -3.04 -9.84
C ILE B 140 -8.99 -2.19 -9.11
N ARG B 141 -7.77 -2.12 -9.65
CA ARG B 141 -6.71 -1.33 -9.01
C ARG B 141 -6.56 0.04 -9.68
N MET B 142 -7.71 0.66 -9.93
CA MET B 142 -7.75 2.00 -10.47
C MET B 142 -8.62 2.79 -9.51
N PRO B 143 -8.02 3.74 -8.79
CA PRO B 143 -8.84 4.62 -7.94
C PRO B 143 -9.66 5.57 -8.82
N ALA B 144 -10.90 5.87 -8.41
CA ALA B 144 -11.81 6.58 -9.35
C ALA B 144 -11.32 7.94 -9.77
N TYR B 145 -10.50 8.59 -8.94
CA TYR B 145 -10.03 9.95 -9.29
C TYR B 145 -9.29 10.03 -10.62
N CYS B 146 -8.77 8.90 -11.10
CA CYS B 146 -8.05 8.94 -12.37
C CYS B 146 -8.85 8.39 -13.55
N ARG B 147 -10.07 7.90 -13.31
CA ARG B 147 -10.87 7.35 -14.41
C ARG B 147 -11.11 8.43 -15.47
N GLY B 148 -10.81 8.07 -16.72
CA GLY B 148 -11.03 8.95 -17.86
C GLY B 148 -10.07 10.12 -17.98
N ARG B 149 -9.07 10.18 -17.11
CA ARG B 149 -8.14 11.31 -17.08
C ARG B 149 -6.90 10.99 -17.89
N VAL B 150 -6.16 12.03 -18.27
CA VAL B 150 -5.01 11.86 -19.14
C VAL B 150 -3.72 12.17 -18.41
N GLY B 151 -2.71 11.31 -18.62
CA GLY B 151 -1.41 11.49 -17.99
C GLY B 151 -0.30 11.01 -18.91
N THR B 152 0.94 11.07 -18.41
CA THR B 152 2.13 10.73 -19.20
C THR B 152 2.88 9.57 -18.55
N ILE B 153 3.33 8.62 -19.36
CA ILE B 153 4.06 7.46 -18.87
C ILE B 153 5.47 7.86 -18.43
N SER B 154 5.76 7.58 -17.16
CA SER B 154 7.10 7.79 -16.63
C SER B 154 7.89 6.48 -16.45
N HIS B 155 7.20 5.33 -16.48
CA HIS B 155 7.84 4.02 -16.26
C HIS B 155 6.95 2.91 -16.80
N ARG B 156 7.54 1.95 -17.50
CA ARG B 156 6.86 0.69 -17.80
C ARG B 156 7.60 -0.39 -17.01
N THR B 157 6.89 -1.17 -16.19
CA THR B 157 7.57 -2.17 -15.36
C THR B 157 8.25 -3.22 -16.23
N THR B 158 9.37 -3.73 -15.73
CA THR B 158 10.14 -4.76 -16.45
C THR B 158 9.63 -6.17 -16.07
N GLU B 159 8.63 -6.22 -15.21
CA GLU B 159 7.98 -7.47 -14.79
C GLU B 159 6.49 -7.37 -15.08
N LYS B 160 5.81 -8.51 -15.08
CA LYS B 160 4.39 -8.55 -15.38
C LYS B 160 3.66 -9.32 -14.30
N TRP B 161 2.40 -8.96 -14.08
CA TRP B 161 1.62 -9.59 -13.03
C TRP B 161 0.20 -9.89 -13.50
N PRO B 162 -0.46 -10.82 -12.82
CA PRO B 162 -1.86 -11.10 -13.15
C PRO B 162 -2.77 -9.87 -12.99
N PHE B 163 -3.73 -9.75 -13.89
CA PHE B 163 -4.68 -8.63 -13.89
C PHE B 163 -5.54 -8.74 -12.65
N PRO B 164 -5.54 -7.69 -11.79
CA PRO B 164 -6.24 -7.83 -10.50
C PRO B 164 -7.74 -8.11 -10.62
N ASP B 165 -8.36 -7.59 -11.67
CA ASP B 165 -9.80 -7.71 -11.87
C ASP B 165 -10.19 -9.16 -12.07
N ALA B 166 -9.20 -9.99 -12.41
CA ALA B 166 -9.43 -11.42 -12.58
C ALA B 166 -8.93 -12.22 -11.38
N ILE B 167 -7.65 -12.07 -11.02
CA ILE B 167 -7.10 -12.85 -9.90
C ILE B 167 -7.71 -12.47 -8.52
N GLY B 168 -8.19 -11.23 -8.42
CA GLY B 168 -8.93 -10.77 -7.23
C GLY B 168 -10.27 -11.48 -7.03
N HIS B 169 -10.69 -12.22 -8.06
CA HIS B 169 -11.89 -13.05 -7.99
C HIS B 169 -11.55 -14.54 -8.11
N GLY B 170 -10.26 -14.85 -8.09
CA GLY B 170 -9.78 -16.23 -8.19
C GLY B 170 -10.03 -16.86 -9.55
N ARG B 171 -10.13 -16.04 -10.60
CA ARG B 171 -10.39 -16.55 -11.96
C ARG B 171 -9.13 -17.14 -12.59
N ASN B 172 -9.34 -17.98 -13.61
CA ASN B 172 -8.22 -18.63 -14.32
C ASN B 172 -7.66 -17.83 -15.52
N ASP B 173 -8.22 -16.65 -15.77
CA ASP B 173 -7.89 -15.87 -16.99
C ASP B 173 -7.27 -14.50 -16.70
N ALA B 174 -6.51 -14.43 -15.60
CA ALA B 174 -5.82 -13.19 -15.23
C ALA B 174 -4.61 -12.86 -16.11
N GLY B 175 -4.08 -13.85 -16.83
CA GLY B 175 -2.92 -13.63 -17.70
C GLY B 175 -1.80 -12.90 -16.97
N GLU B 176 -1.14 -11.98 -17.68
CA GLU B 176 -0.09 -11.12 -17.10
C GLU B 176 0.10 -9.87 -17.95
N GLU B 177 0.34 -8.76 -17.27
CA GLU B 177 0.47 -7.45 -17.89
C GLU B 177 1.51 -6.69 -17.09
N PRO B 178 2.25 -5.79 -17.76
CA PRO B 178 3.06 -4.87 -16.98
C PRO B 178 2.17 -3.76 -16.44
N THR B 179 2.73 -2.94 -15.54
CA THR B 179 2.02 -1.75 -15.12
C THR B 179 2.83 -0.53 -15.54
N TYR B 180 2.19 0.64 -15.46
CA TYR B 180 2.78 1.88 -15.91
C TYR B 180 2.63 2.94 -14.84
N HIS B 181 3.73 3.64 -14.58
CA HIS B 181 3.66 4.83 -13.73
C HIS B 181 3.11 5.96 -14.58
N VAL B 182 1.88 6.35 -14.31
CA VAL B 182 1.25 7.40 -15.12
C VAL B 182 1.16 8.64 -14.27
N LYS B 183 1.84 9.69 -14.73
CA LYS B 183 1.89 10.96 -14.01
C LYS B 183 0.79 11.87 -14.49
N PHE B 184 -0.06 12.30 -13.56
CA PHE B 184 -1.14 13.23 -13.85
C PHE B 184 -0.83 14.57 -13.21
N ALA B 185 -1.14 15.67 -13.89
CA ALA B 185 -1.09 16.98 -13.22
C ALA B 185 -2.22 17.01 -12.19
N ALA B 186 -1.93 17.60 -11.03
CA ALA B 186 -2.94 17.73 -9.98
C ALA B 186 -4.24 18.35 -10.51
N GLU B 187 -4.13 19.37 -11.36
CA GLU B 187 -5.30 20.04 -11.94
C GLU B 187 -6.11 19.14 -12.89
N GLU B 188 -5.46 18.17 -13.51
CA GLU B 188 -6.18 17.18 -14.33
C GLU B 188 -7.16 16.38 -13.45
N LEU B 189 -6.78 16.11 -12.21
CA LEU B 189 -7.55 15.23 -11.34
C LEU B 189 -8.54 15.98 -10.44
N PHE B 190 -8.18 17.19 -10.01
CA PHE B 190 -8.98 17.92 -9.03
C PHE B 190 -9.26 19.38 -9.40
N GLY B 191 -8.99 19.75 -10.66
CA GLY B 191 -9.21 21.13 -11.12
C GLY B 191 -8.42 22.10 -10.27
N SER B 192 -9.08 23.18 -9.84
CA SER B 192 -8.43 24.20 -9.03
C SER B 192 -8.35 23.82 -7.55
N ASP B 193 -9.04 22.74 -7.18
CA ASP B 193 -9.26 22.37 -5.79
C ASP B 193 -8.23 21.34 -5.29
N THR B 194 -6.97 21.75 -5.33
CA THR B 194 -5.82 20.91 -4.95
C THR B 194 -4.67 21.88 -4.68
N ASP B 195 -3.75 21.51 -3.77
CA ASP B 195 -2.54 22.29 -3.54
C ASP B 195 -1.25 21.58 -4.02
N GLY B 196 -1.42 20.46 -4.72
CA GLY B 196 -0.29 19.61 -5.07
C GLY B 196 0.25 19.92 -6.46
N GLY B 197 1.16 19.08 -6.94
CA GLY B 197 1.77 19.32 -8.25
C GLY B 197 1.37 18.23 -9.21
N SER B 198 1.79 17.01 -8.90
CA SER B 198 1.46 15.88 -9.74
C SER B 198 1.16 14.67 -8.87
N VAL B 199 0.43 13.73 -9.47
CA VAL B 199 0.13 12.46 -8.84
C VAL B 199 0.51 11.35 -9.81
N VAL B 200 1.26 10.35 -9.33
CA VAL B 200 1.64 9.21 -10.18
C VAL B 200 0.90 7.97 -9.70
N VAL B 201 0.10 7.41 -10.60
CA VAL B 201 -0.70 6.21 -10.31
C VAL B 201 -0.08 5.02 -11.07
N ASP B 202 0.02 3.87 -10.40
CA ASP B 202 0.67 2.69 -10.99
C ASP B 202 -0.42 1.82 -11.59
N LEU B 203 -0.58 1.90 -12.91
CA LEU B 203 -1.77 1.35 -13.55
C LEU B 203 -1.45 0.20 -14.49
N PHE B 204 -2.19 -0.91 -14.32
CA PHE B 204 -2.11 -2.03 -15.26
C PHE B 204 -2.39 -1.59 -16.69
N GLU B 205 -1.66 -2.21 -17.62
CA GLU B 205 -1.80 -1.92 -19.05
C GLU B 205 -3.26 -1.91 -19.51
N GLY B 206 -4.05 -2.87 -18.99
CA GLY B 206 -5.46 -3.03 -19.40
C GLY B 206 -6.40 -1.91 -18.94
N TYR B 207 -5.90 -1.01 -18.09
CA TYR B 207 -6.69 0.13 -17.65
C TYR B 207 -6.47 1.34 -18.56
N LEU B 208 -5.57 1.21 -19.54
CA LEU B 208 -5.08 2.37 -20.31
C LEU B 208 -5.39 2.28 -21.80
N GLU B 209 -5.35 3.44 -22.47
CA GLU B 209 -5.54 3.55 -23.91
C GLU B 209 -4.77 4.80 -24.38
N PRO B 210 -4.38 4.85 -25.67
CA PRO B 210 -3.75 6.06 -26.20
C PRO B 210 -4.63 7.29 -25.97
N ALA B 211 -4.04 8.43 -25.62
CA ALA B 211 -4.80 9.66 -25.44
C ALA B 211 -5.17 10.24 -26.81
N ALA B 212 -6.24 11.03 -26.87
CA ALA B 212 -6.64 11.66 -28.14
C ALA B 212 -5.76 12.88 -28.47
FE FE C . -2.44 -0.80 0.31
N NO D . -2.36 -2.32 1.35
O NO D . -2.41 -3.54 1.33
MG MG E . -16.11 6.60 -5.29
MG MG F . -26.21 -16.91 11.97
#